data_6XI3
#
_entry.id   6XI3
#
_cell.length_a   202.833
_cell.length_b   45.631
_cell.length_c   58.600
_cell.angle_alpha   90.000
_cell.angle_beta   99.994
_cell.angle_gamma   90.000
#
_symmetry.space_group_name_H-M   'C 1 2 1'
#
loop_
_entity.id
_entity.type
_entity.pdbx_description
1 polymer 'Large adhesion protein (Lap) involved in biofilm formation'
2 non-polymer 'CALCIUM ION'
3 non-polymer 'CHLORIDE ION'
4 non-polymer 'SODIUM ION'
5 non-polymer '{[-(BIS-CARBOXYMETHYL-AMINO)-ETHYL]-CARBOXYMETHYL-AMINO}-ACETIC ACID'
6 non-polymer DI(HYDROXYETHYL)ETHER
7 non-polymer 1,2-ETHANEDIOL
8 water water
#
_entity_poly.entity_id   1
_entity_poly.type   'polypeptide(L)'
_entity_poly.pdbx_seq_one_letter_code
;MASSHHHHHHSSGLVPRGSHMSFDATAGALTVSLDTVDNTAQTANLSGTTTDVAPNEQVAITITDSAGNIVNAIATVGAD
GSYSLTGVDISSLVDGSLTVEASAQDRNGNALTDSANGALDATAGDLTVSVGTIDNTAQTVNLSGTTTDVAPNGQVAITM
TDSAGNIVNATATVGADGSYSLTGVDISSLVDGDLTVEASAQDRNGNAVSDSANGTFDATAGDLTVSVDTVDSTAQTANL
SGTTTDVALNSQVDLTVTDSAGNVVTATTTVGADGSYSLTGVDISSLVDGNLTVEATAQDRNGNAVSDSAAGSLDATTGA
LTVSLDTVDNAAQTVDLSGTTADVAPNSQVNVTITDSTGNVVNAITTVGADGSYSLTGVDISSLVDGDLTVEASAQGRNG
NALTDSANGALDAT
;
_entity_poly.pdbx_strand_id   AAA
#
loop_
_chem_comp.id
_chem_comp.type
_chem_comp.name
_chem_comp.formula
CA non-polymer 'CALCIUM ION' 'Ca 2'
CL non-polymer 'CHLORIDE ION' 'Cl -1'
EDO non-polymer 1,2-ETHANEDIOL 'C2 H6 O2'
EDT non-polymer '{[-(BIS-CARBOXYMETHYL-AMINO)-ETHYL]-CARBOXYMETHYL-AMINO}-ACETIC ACID' 'C10 H16 N2 O8'
NA non-polymer 'SODIUM ION' 'Na 1'
PEG non-polymer DI(HYDROXYETHYL)ETHER 'C4 H10 O3'
#
# COMPACT_ATOMS: atom_id res chain seq x y z
N ALA A 27 14.82 16.52 76.91
CA ALA A 27 14.04 15.61 76.00
C ALA A 27 14.97 15.03 74.93
N GLY A 28 14.98 13.70 74.77
CA GLY A 28 15.85 13.04 73.78
C GLY A 28 15.48 13.45 72.36
N ALA A 29 16.44 13.71 71.48
CA ALA A 29 16.13 14.06 70.06
C ALA A 29 17.18 13.47 69.13
N LEU A 30 16.77 13.12 67.93
CA LEU A 30 17.68 12.61 66.87
C LEU A 30 17.29 13.30 65.57
N THR A 31 18.30 13.75 64.81
CA THR A 31 18.10 14.18 63.39
C THR A 31 19.02 13.35 62.51
N VAL A 32 18.61 13.21 61.24
CA VAL A 32 19.50 12.65 60.20
C VAL A 32 19.33 13.50 58.94
N SER A 33 20.39 13.74 58.18
CA SER A 33 20.31 14.40 56.87
C SER A 33 21.07 13.54 55.88
N LEU A 34 20.57 13.49 54.65
CA LEU A 34 21.29 12.90 53.51
C LEU A 34 22.01 14.05 52.82
N ASP A 35 23.32 14.18 53.03
CA ASP A 35 24.07 15.39 52.61
C ASP A 35 24.42 15.30 51.13
N THR A 36 24.80 14.13 50.64
CA THR A 36 25.17 13.99 49.21
C THR A 36 24.83 12.58 48.76
N VAL A 37 24.36 12.47 47.53
CA VAL A 37 24.27 11.20 46.78
C VAL A 37 25.20 11.39 45.60
N ASP A 38 26.23 10.55 45.52
CA ASP A 38 27.19 10.53 44.40
C ASP A 38 26.74 9.43 43.43
N ASN A 39 26.06 9.83 42.36
CA ASN A 39 25.53 8.96 41.29
C ASN A 39 26.64 8.18 40.58
N THR A 40 27.84 8.73 40.44
CA THR A 40 28.98 8.07 39.74
C THR A 40 29.62 7.01 40.65
N ALA A 41 29.98 7.35 41.89
CA ALA A 41 30.57 6.38 42.85
C ALA A 41 29.46 5.49 43.46
N GLN A 42 28.17 5.86 43.32
CA GLN A 42 27.03 5.12 43.96
C GLN A 42 27.29 5.02 45.47
N THR A 43 27.47 6.18 46.09
CA THR A 43 27.75 6.31 47.53
C THR A 43 26.88 7.43 48.07
N ALA A 44 26.71 7.48 49.38
CA ALA A 44 26.00 8.58 50.03
C ALA A 44 26.78 9.00 51.26
N ASN A 45 26.62 10.26 51.61
CA ASN A 45 27.15 10.85 52.86
C ASN A 45 25.94 11.29 53.68
N LEU A 46 25.96 10.88 54.95
CA LEU A 46 24.92 11.14 55.97
C LEU A 46 25.56 11.86 57.16
N SER A 47 24.77 12.65 57.86
CA SER A 47 25.16 13.19 59.18
C SER A 47 23.91 13.36 60.06
N GLY A 48 24.13 13.61 61.34
CA GLY A 48 23.02 14.09 62.19
C GLY A 48 23.52 14.60 63.52
N THR A 49 22.54 14.84 64.38
CA THR A 49 22.71 15.40 65.73
C THR A 49 21.86 14.57 66.69
N THR A 50 22.19 14.63 67.97
CA THR A 50 21.43 13.98 69.05
C THR A 50 21.42 14.92 70.23
N THR A 51 20.39 14.80 71.05
CA THR A 51 20.27 15.45 72.38
C THR A 51 19.99 14.32 73.36
N ASP A 52 20.72 14.28 74.47
CA ASP A 52 20.46 13.35 75.59
C ASP A 52 20.70 11.92 75.11
N VAL A 53 21.53 11.74 74.10
CA VAL A 53 22.11 10.40 73.76
C VAL A 53 23.57 10.41 74.24
N ALA A 54 23.99 9.36 74.94
CA ALA A 54 25.36 9.25 75.49
C ALA A 54 26.35 9.16 74.35
N PRO A 55 27.46 9.91 74.41
CA PRO A 55 28.57 9.70 73.48
C PRO A 55 28.99 8.22 73.57
N ASN A 56 29.30 7.62 72.42
CA ASN A 56 29.75 6.22 72.24
C ASN A 56 28.57 5.27 72.08
N GLU A 57 27.34 5.78 72.12
CA GLU A 57 26.16 4.99 71.69
C GLU A 57 26.12 5.04 70.15
N GLN A 58 25.32 4.16 69.56
CA GLN A 58 25.23 3.99 68.09
C GLN A 58 23.90 4.54 67.59
N VAL A 59 23.94 5.07 66.36
CA VAL A 59 22.77 5.39 65.52
C VAL A 59 22.68 4.32 64.44
N ALA A 60 21.57 3.58 64.42
CA ALA A 60 21.30 2.57 63.37
C ALA A 60 20.69 3.30 62.18
N ILE A 61 21.10 2.92 60.98
CA ILE A 61 20.64 3.65 59.79
C ILE A 61 20.16 2.62 58.79
N THR A 62 19.03 2.90 58.15
CA THR A 62 18.62 2.13 56.94
C THR A 62 18.49 3.11 55.79
N ILE A 63 18.89 2.66 54.62
CA ILE A 63 18.62 3.37 53.35
C ILE A 63 17.82 2.38 52.52
N THR A 64 16.58 2.76 52.20
CA THR A 64 15.62 1.93 51.44
C THR A 64 15.38 2.57 50.07
N ASP A 65 15.38 1.74 49.03
CA ASP A 65 15.19 2.26 47.66
C ASP A 65 13.73 2.03 47.22
N SER A 66 13.43 2.43 45.97
CA SER A 66 12.11 2.38 45.32
C SER A 66 11.61 0.93 45.17
N ALA A 67 12.45 -0.08 45.33
CA ALA A 67 12.09 -1.51 45.19
C ALA A 67 12.05 -2.22 46.56
N GLY A 68 12.29 -1.49 47.66
CA GLY A 68 12.39 -2.08 49.02
C GLY A 68 13.74 -2.70 49.37
N ASN A 69 14.77 -2.65 48.52
CA ASN A 69 16.14 -3.08 48.91
C ASN A 69 16.62 -2.19 50.05
N ILE A 70 17.37 -2.75 50.99
CA ILE A 70 17.79 -1.98 52.21
C ILE A 70 19.31 -2.01 52.28
N VAL A 71 19.89 -0.87 52.58
CA VAL A 71 21.28 -0.82 53.09
C VAL A 71 21.19 -0.58 54.59
N ASN A 72 21.92 -1.37 55.37
CA ASN A 72 22.06 -1.20 56.84
C ASN A 72 23.41 -0.58 57.15
N ALA A 73 23.43 0.47 57.99
CA ALA A 73 24.66 1.13 58.45
C ALA A 73 24.53 1.49 59.93
N ILE A 74 25.66 1.84 60.52
CA ILE A 74 25.74 2.21 61.96
C ILE A 74 26.81 3.29 62.10
N ALA A 75 26.54 4.25 62.97
CA ALA A 75 27.49 5.34 63.26
C ALA A 75 27.62 5.52 64.77
N THR A 76 28.73 6.10 65.22
CA THR A 76 28.91 6.41 66.67
C THR A 76 28.66 7.89 66.96
N VAL A 77 27.88 8.16 68.01
CA VAL A 77 27.64 9.52 68.55
C VAL A 77 28.93 10.06 69.17
N GLY A 78 29.34 11.25 68.74
CA GLY A 78 30.56 11.91 69.23
C GLY A 78 30.33 12.56 70.58
N ALA A 79 31.40 13.09 71.17
CA ALA A 79 31.38 13.93 72.39
C ALA A 79 30.29 15.01 72.25
N ASP A 80 30.13 15.63 71.08
CA ASP A 80 29.20 16.78 70.86
C ASP A 80 27.80 16.34 70.38
N GLY A 81 27.55 15.04 70.35
CA GLY A 81 26.22 14.52 70.04
C GLY A 81 26.04 14.31 68.56
N SER A 82 27.04 14.63 67.73
CA SER A 82 26.90 14.55 66.26
C SER A 82 27.39 13.18 65.79
N TYR A 83 27.03 12.82 64.57
CA TYR A 83 27.48 11.56 63.95
C TYR A 83 27.52 11.80 62.45
N SER A 84 28.33 11.04 61.74
CA SER A 84 28.31 11.07 60.26
C SER A 84 28.87 9.77 59.67
N LEU A 85 28.50 9.50 58.43
CA LEU A 85 29.05 8.39 57.62
C LEU A 85 29.34 8.98 56.23
N THR A 86 30.50 8.69 55.66
CA THR A 86 30.96 9.15 54.31
C THR A 86 31.16 7.92 53.42
N GLY A 87 30.81 7.99 52.14
CA GLY A 87 31.12 6.90 51.21
C GLY A 87 30.32 5.66 51.49
N VAL A 88 29.09 5.79 52.04
CA VAL A 88 28.23 4.61 52.27
C VAL A 88 27.90 4.01 50.90
N ASP A 89 28.10 2.71 50.75
CA ASP A 89 27.88 1.98 49.47
C ASP A 89 26.38 1.82 49.20
N ILE A 90 25.87 2.48 48.17
CA ILE A 90 24.46 2.29 47.73
C ILE A 90 24.40 1.67 46.33
N SER A 91 25.45 0.96 45.93
CA SER A 91 25.49 0.22 44.64
C SER A 91 24.48 -0.93 44.65
N SER A 92 24.07 -1.43 45.81
CA SER A 92 23.02 -2.48 45.93
C SER A 92 21.64 -1.87 45.63
N LEU A 93 21.47 -0.55 45.64
CA LEU A 93 20.12 0.04 45.55
C LEU A 93 19.84 0.36 44.08
N VAL A 94 18.56 0.41 43.73
CA VAL A 94 18.09 0.83 42.39
C VAL A 94 17.75 2.32 42.43
N ASP A 95 17.70 2.93 41.24
CA ASP A 95 17.37 4.35 41.03
C ASP A 95 15.96 4.65 41.52
N GLY A 96 15.72 5.93 41.78
CA GLY A 96 14.46 6.46 42.31
C GLY A 96 14.68 7.08 43.68
N SER A 97 13.64 7.11 44.49
CA SER A 97 13.68 7.74 45.83
C SER A 97 14.58 6.90 46.74
N LEU A 98 15.27 7.56 47.65
CA LEU A 98 15.98 6.93 48.78
C LEU A 98 15.32 7.46 50.05
N THR A 99 14.96 6.57 50.97
CA THR A 99 14.53 6.97 52.33
C THR A 99 15.56 6.49 53.34
N VAL A 100 16.09 7.44 54.07
CA VAL A 100 17.06 7.22 55.16
C VAL A 100 16.23 7.19 56.45
N GLU A 101 16.38 6.14 57.26
CA GLU A 101 15.75 6.10 58.63
C GLU A 101 16.90 6.01 59.63
N ALA A 102 16.94 6.90 60.62
CA ALA A 102 17.92 6.81 61.70
C ALA A 102 17.17 6.46 63.00
N SER A 103 17.78 5.68 63.88
CA SER A 103 17.17 5.35 65.19
C SER A 103 18.26 5.28 66.25
N ALA A 104 17.92 5.71 67.44
CA ALA A 104 18.80 5.57 68.61
C ALA A 104 17.92 5.60 69.86
N GLN A 105 18.55 5.42 71.02
CA GLN A 105 17.86 5.49 72.33
C GLN A 105 18.52 6.62 73.11
N ASP A 106 17.73 7.42 73.79
CA ASP A 106 18.27 8.41 74.75
C ASP A 106 18.76 7.63 75.99
N ARG A 107 19.36 8.35 76.91
CA ARG A 107 19.95 7.80 78.18
C ARG A 107 18.89 7.09 79.04
N ASN A 108 17.59 7.44 78.88
CA ASN A 108 16.50 6.84 79.68
C ASN A 108 15.76 5.76 78.86
N GLY A 109 16.29 5.42 77.69
CA GLY A 109 15.77 4.29 76.89
C GLY A 109 14.72 4.68 75.87
N ASN A 110 14.32 5.95 75.80
CA ASN A 110 13.24 6.39 74.87
C ASN A 110 13.70 6.20 73.41
N ALA A 111 12.89 5.58 72.58
CA ALA A 111 13.16 5.39 71.13
C ALA A 111 13.20 6.75 70.43
N LEU A 112 14.30 7.07 69.76
CA LEU A 112 14.36 8.31 68.93
C LEU A 112 14.42 7.89 67.47
N THR A 113 13.79 8.65 66.60
CA THR A 113 13.78 8.37 65.14
C THR A 113 13.84 9.69 64.38
N ASP A 114 14.38 9.63 63.17
CA ASP A 114 14.23 10.70 62.17
C ASP A 114 14.45 10.04 60.81
N SER A 115 14.02 10.72 59.76
CA SER A 115 14.16 10.22 58.38
C SER A 115 14.74 11.34 57.50
N ALA A 116 15.27 11.00 56.34
CA ALA A 116 15.73 11.97 55.34
C ALA A 116 15.51 11.32 53.99
N ASN A 117 15.50 12.11 52.92
CA ASN A 117 15.11 11.61 51.59
C ASN A 117 16.04 12.21 50.54
N GLY A 118 16.22 11.50 49.45
CA GLY A 118 17.02 11.99 48.31
C GLY A 118 16.64 11.17 47.10
N ALA A 119 17.36 11.35 46.01
CA ALA A 119 17.10 10.61 44.76
C ALA A 119 18.43 9.99 44.28
N LEU A 120 18.36 8.77 43.71
CA LEU A 120 19.51 8.07 43.11
C LEU A 120 19.27 7.98 41.59
N ASP A 121 20.29 8.32 40.80
CA ASP A 121 20.26 8.21 39.32
C ASP A 121 21.66 7.84 38.84
N ALA A 122 22.02 6.61 39.15
CA ALA A 122 23.30 5.97 38.83
C ALA A 122 23.21 5.30 37.47
N THR A 123 22.00 5.02 36.94
CA THR A 123 21.85 4.26 35.67
C THR A 123 20.99 5.06 34.66
N ALA A 124 21.51 5.28 33.46
CA ALA A 124 20.78 5.96 32.35
C ALA A 124 19.65 5.02 31.89
N GLY A 125 18.42 5.52 31.83
CA GLY A 125 17.28 4.75 31.32
C GLY A 125 17.39 4.60 29.81
N ASP A 126 17.03 3.44 29.29
CA ASP A 126 17.10 3.16 27.82
C ASP A 126 16.09 2.08 27.49
N LEU A 127 15.64 2.04 26.23
CA LEU A 127 14.79 0.92 25.76
C LEU A 127 15.20 0.65 24.30
N THR A 128 15.20 -0.63 23.93
CA THR A 128 15.34 -1.08 22.51
C THR A 128 14.09 -1.90 22.19
N VAL A 129 13.67 -1.86 20.93
CA VAL A 129 12.67 -2.82 20.42
C VAL A 129 13.16 -3.33 19.06
N SER A 130 12.90 -4.59 18.75
CA SER A 130 13.34 -5.17 17.48
C SER A 130 12.31 -6.20 16.99
N VAL A 131 12.02 -6.15 15.69
CA VAL A 131 11.11 -7.11 15.06
C VAL A 131 11.88 -8.40 14.82
N GLY A 132 11.42 -9.49 15.40
CA GLY A 132 12.03 -10.81 15.14
C GLY A 132 11.58 -11.32 13.80
N THR A 133 10.28 -11.38 13.60
CA THR A 133 9.71 -11.75 12.28
C THR A 133 8.37 -11.05 12.11
N ILE A 134 8.08 -10.69 10.88
CA ILE A 134 6.70 -10.44 10.40
C ILE A 134 6.33 -11.68 9.59
N ASP A 135 5.40 -12.45 10.13
CA ASP A 135 4.88 -13.68 9.50
C ASP A 135 3.72 -13.30 8.56
N ASN A 136 4.03 -13.16 7.26
CA ASN A 136 3.07 -12.78 6.20
C ASN A 136 2.01 -13.86 6.08
N THR A 137 2.34 -15.13 6.31
CA THR A 137 1.36 -16.26 6.19
C THR A 137 0.36 -16.27 7.35
N ALA A 138 0.77 -16.11 8.60
CA ALA A 138 -0.16 -16.11 9.76
C ALA A 138 -0.68 -14.69 10.07
N GLN A 139 -0.08 -13.63 9.51
CA GLN A 139 -0.40 -12.20 9.80
C GLN A 139 -0.14 -11.96 11.30
N THR A 140 1.06 -12.30 11.73
CA THR A 140 1.51 -12.12 13.14
C THR A 140 2.90 -11.51 13.16
N VAL A 141 3.28 -10.93 14.29
CA VAL A 141 4.63 -10.38 14.48
C VAL A 141 5.17 -10.89 15.82
N ASN A 142 6.42 -11.30 15.81
CA ASN A 142 7.24 -11.56 17.02
C ASN A 142 8.13 -10.34 17.25
N LEU A 143 8.10 -9.81 18.46
CA LEU A 143 8.83 -8.59 18.90
C LEU A 143 9.65 -8.99 20.11
N SER A 144 10.76 -8.34 20.34
CA SER A 144 11.51 -8.50 21.60
C SER A 144 12.23 -7.19 21.84
N GLY A 145 12.75 -7.01 23.04
CA GLY A 145 13.55 -5.81 23.35
C GLY A 145 14.24 -5.92 24.67
N THR A 146 14.90 -4.84 25.03
CA THR A 146 15.78 -4.72 26.21
C THR A 146 15.37 -3.41 26.85
N THR A 147 15.63 -3.29 28.15
CA THR A 147 15.51 -1.99 28.84
C THR A 147 16.70 -1.83 29.76
N THR A 148 16.95 -0.59 30.18
CA THR A 148 17.91 -0.22 31.22
C THR A 148 17.20 0.72 32.19
N ASP A 149 17.34 0.49 33.49
CA ASP A 149 16.71 1.31 34.56
C ASP A 149 15.17 1.34 34.44
N VAL A 150 14.56 0.29 33.91
CA VAL A 150 13.09 0.09 33.98
C VAL A 150 12.81 -1.08 34.90
N ALA A 151 11.92 -0.90 35.88
CA ALA A 151 11.68 -1.88 36.97
C ALA A 151 11.09 -3.15 36.38
N PRO A 152 11.54 -4.34 36.79
CA PRO A 152 10.82 -5.58 36.47
C PRO A 152 9.34 -5.45 36.84
N ASN A 153 8.47 -6.11 36.07
CA ASN A 153 6.97 -6.02 36.12
C ASN A 153 6.48 -4.67 35.61
N GLY A 154 7.37 -3.74 35.24
CA GLY A 154 7.01 -2.57 34.42
C GLY A 154 6.37 -3.01 33.10
N GLN A 155 5.57 -2.14 32.50
CA GLN A 155 4.83 -2.43 31.25
C GLN A 155 5.48 -1.63 30.12
N VAL A 156 5.62 -2.27 28.96
CA VAL A 156 6.05 -1.60 27.70
C VAL A 156 4.82 -1.44 26.83
N ALA A 157 4.47 -0.20 26.50
CA ALA A 157 3.37 0.15 25.61
C ALA A 157 3.90 0.00 24.18
N ILE A 158 3.25 -0.85 23.40
CA ILE A 158 3.63 -1.15 21.98
C ILE A 158 2.51 -0.73 21.04
N THR A 159 2.93 -0.05 19.98
CA THR A 159 2.07 0.47 18.90
C THR A 159 2.64 -0.08 17.59
N MET A 160 1.78 -0.63 16.74
CA MET A 160 2.11 -1.00 15.36
C MET A 160 1.20 -0.23 14.40
N THR A 161 1.81 0.54 13.50
CA THR A 161 1.10 1.50 12.62
C THR A 161 1.40 1.08 11.17
N ASP A 162 0.37 0.95 10.34
CA ASP A 162 0.49 0.50 8.92
C ASP A 162 0.54 1.70 7.97
N SER A 163 0.59 1.41 6.66
CA SER A 163 0.73 2.44 5.60
C SER A 163 -0.54 3.30 5.50
N ALA A 164 -1.65 2.86 6.08
CA ALA A 164 -2.95 3.57 6.04
C ALA A 164 -3.22 4.32 7.36
N GLY A 165 -2.31 4.24 8.35
CA GLY A 165 -2.51 4.77 9.72
C GLY A 165 -3.38 3.91 10.63
N ASN A 166 -3.81 2.72 10.23
CA ASN A 166 -4.37 1.73 11.21
C ASN A 166 -3.34 1.37 12.30
N ILE A 167 -3.83 1.06 13.50
CA ILE A 167 -2.99 0.84 14.69
C ILE A 167 -3.38 -0.47 15.38
N VAL A 168 -2.38 -1.26 15.76
CA VAL A 168 -2.55 -2.36 16.74
C VAL A 168 -1.80 -1.96 18.01
N ASN A 169 -2.47 -2.03 19.16
CA ASN A 169 -1.87 -1.76 20.49
C ASN A 169 -1.54 -3.09 21.16
N ALA A 170 -0.43 -3.14 21.89
CA ALA A 170 -0.05 -4.34 22.65
C ALA A 170 0.74 -3.90 23.87
N THR A 171 0.94 -4.83 24.79
CA THR A 171 1.66 -4.54 26.06
C THR A 171 2.52 -5.75 26.39
N ALA A 172 3.69 -5.50 26.95
CA ALA A 172 4.61 -6.57 27.40
C ALA A 172 5.15 -6.20 28.77
N THR A 173 5.48 -7.23 29.54
CA THR A 173 6.00 -7.10 30.92
C THR A 173 7.53 -7.20 30.90
N VAL A 174 8.18 -6.25 31.51
CA VAL A 174 9.65 -6.22 31.69
C VAL A 174 10.03 -7.32 32.71
N GLY A 175 10.95 -8.21 32.32
CA GLY A 175 11.50 -9.30 33.16
C GLY A 175 12.57 -8.81 34.11
N ALA A 176 13.14 -9.73 34.90
CA ALA A 176 14.18 -9.46 35.92
C ALA A 176 15.42 -8.90 35.22
N ASP A 177 15.78 -9.42 34.05
CA ASP A 177 16.98 -8.95 33.29
C ASP A 177 16.64 -7.71 32.43
N GLY A 178 15.42 -7.19 32.52
CA GLY A 178 14.98 -5.98 31.82
C GLY A 178 14.52 -6.25 30.38
N SER A 179 14.50 -7.52 29.95
CA SER A 179 14.05 -7.93 28.58
C SER A 179 12.52 -8.09 28.56
N TYR A 180 11.95 -7.98 27.37
CA TYR A 180 10.50 -8.18 27.13
C TYR A 180 10.37 -8.75 25.72
N SER A 181 9.28 -9.46 25.48
CA SER A 181 9.02 -10.13 24.19
C SER A 181 7.51 -10.40 24.04
N LEU A 182 7.05 -10.43 22.80
CA LEU A 182 5.71 -10.92 22.43
C LEU A 182 5.85 -11.84 21.23
N THR A 183 5.02 -12.86 21.21
CA THR A 183 4.99 -13.92 20.18
C THR A 183 3.61 -13.91 19.57
N GLY A 184 3.54 -14.01 18.25
CA GLY A 184 2.29 -14.15 17.49
C GLY A 184 1.30 -13.03 17.75
N VAL A 185 1.72 -11.77 17.85
CA VAL A 185 0.75 -10.63 17.95
C VAL A 185 -0.02 -10.56 16.63
N ASP A 186 -1.36 -10.53 16.69
CA ASP A 186 -2.28 -10.51 15.52
C ASP A 186 -2.23 -9.14 14.84
N ILE A 187 -1.77 -9.08 13.58
CA ILE A 187 -1.77 -7.81 12.80
C ILE A 187 -2.63 -7.97 11.53
N SER A 188 -3.54 -8.93 11.53
CA SER A 188 -4.55 -9.14 10.46
C SER A 188 -5.38 -7.86 10.25
N SER A 189 -5.51 -6.99 11.25
CA SER A 189 -6.21 -5.69 11.10
C SER A 189 -5.38 -4.67 10.32
N LEU A 190 -4.10 -4.95 10.02
CA LEU A 190 -3.25 -3.97 9.31
C LEU A 190 -3.24 -4.27 7.81
N VAL A 191 -2.91 -3.28 7.00
CA VAL A 191 -2.74 -3.45 5.53
C VAL A 191 -1.24 -3.52 5.20
N ASP A 192 -0.94 -4.05 4.01
CA ASP A 192 0.42 -4.29 3.50
C ASP A 192 1.17 -2.96 3.36
N GLY A 193 2.48 -3.06 3.35
CA GLY A 193 3.43 -1.95 3.17
C GLY A 193 4.29 -1.84 4.41
N ASP A 194 4.89 -0.68 4.63
CA ASP A 194 5.82 -0.47 5.76
C ASP A 194 5.02 -0.57 7.06
N LEU A 195 5.54 -1.25 8.06
CA LEU A 195 4.92 -1.34 9.40
C LEU A 195 5.88 -0.62 10.33
N THR A 196 5.39 0.27 11.16
CA THR A 196 6.24 0.95 12.15
C THR A 196 5.91 0.37 13.52
N VAL A 197 6.91 -0.12 14.25
CA VAL A 197 6.69 -0.64 15.63
C VAL A 197 7.30 0.38 16.60
N GLU A 198 6.46 0.92 17.49
CA GLU A 198 6.92 1.86 18.54
C GLU A 198 6.73 1.21 19.92
N ALA A 199 7.74 1.33 20.79
CA ALA A 199 7.73 0.78 22.17
C ALA A 199 8.18 1.88 23.12
N SER A 200 7.53 1.95 24.28
CA SER A 200 7.80 3.00 25.28
C SER A 200 7.56 2.45 26.70
N ALA A 201 8.28 3.03 27.65
CA ALA A 201 8.17 2.64 29.07
C ALA A 201 8.68 3.81 29.89
N GLN A 202 8.72 3.67 31.20
CA GLN A 202 9.22 4.75 32.08
C GLN A 202 10.36 4.16 32.92
N ASP A 203 11.48 4.87 33.02
CA ASP A 203 12.61 4.43 33.84
C ASP A 203 12.30 4.84 35.30
N ARG A 204 13.12 4.40 36.21
CA ARG A 204 12.82 4.55 37.66
C ARG A 204 12.98 6.00 38.08
N ASN A 205 13.54 6.87 37.23
CA ASN A 205 13.56 8.32 37.55
C ASN A 205 12.39 9.04 36.88
N GLY A 206 11.42 8.32 36.34
CA GLY A 206 10.20 8.95 35.78
C GLY A 206 10.40 9.47 34.36
N ASN A 207 11.42 9.02 33.63
CA ASN A 207 11.71 9.51 32.26
C ASN A 207 11.15 8.52 31.24
N ALA A 208 10.45 9.02 30.23
CA ALA A 208 9.95 8.19 29.12
C ALA A 208 11.18 7.64 28.37
N VAL A 209 11.25 6.33 28.16
CA VAL A 209 12.26 5.69 27.26
C VAL A 209 11.50 4.99 26.12
N SER A 210 12.03 5.08 24.91
CA SER A 210 11.30 4.65 23.70
C SER A 210 12.27 4.24 22.59
N ASP A 211 11.75 3.42 21.68
CA ASP A 211 12.52 2.98 20.48
C ASP A 211 11.47 2.63 19.44
N SER A 212 11.89 2.57 18.17
CA SER A 212 10.99 2.09 17.10
C SER A 212 11.77 1.17 16.17
N ALA A 213 11.04 0.39 15.40
CA ALA A 213 11.60 -0.47 14.35
C ALA A 213 10.62 -0.46 13.18
N ASN A 214 11.04 -0.99 12.05
CA ASN A 214 10.19 -0.96 10.85
C ASN A 214 10.40 -2.26 10.11
N GLY A 215 9.41 -2.67 9.34
CA GLY A 215 9.52 -3.84 8.48
C GLY A 215 8.43 -3.83 7.45
N THR A 216 8.48 -4.77 6.54
CA THR A 216 7.49 -4.87 5.47
C THR A 216 6.46 -5.95 5.78
N PHE A 217 5.21 -5.61 5.53
CA PHE A 217 4.05 -6.53 5.64
C PHE A 217 3.54 -6.76 4.22
N ASP A 218 3.45 -8.02 3.84
CA ASP A 218 2.94 -8.43 2.52
C ASP A 218 2.17 -9.71 2.74
N ALA A 219 0.99 -9.61 3.35
CA ALA A 219 0.09 -10.74 3.63
C ALA A 219 -0.94 -10.93 2.48
N THR A 220 -1.17 -9.91 1.67
CA THR A 220 -2.23 -9.93 0.61
C THR A 220 -1.56 -9.75 -0.75
N ALA A 221 -1.81 -10.69 -1.64
CA ALA A 221 -1.43 -10.66 -3.05
C ALA A 221 -2.24 -9.55 -3.74
N GLY A 222 -1.56 -8.60 -4.38
CA GLY A 222 -2.18 -7.51 -5.15
C GLY A 222 -2.82 -8.08 -6.40
N ASP A 223 -3.96 -7.54 -6.80
CA ASP A 223 -4.65 -8.01 -8.03
C ASP A 223 -5.50 -6.87 -8.56
N LEU A 224 -5.85 -6.94 -9.84
CA LEU A 224 -6.75 -5.96 -10.48
C LEU A 224 -7.54 -6.73 -11.55
N THR A 225 -8.85 -6.50 -11.60
CA THR A 225 -9.68 -6.93 -12.74
C THR A 225 -10.24 -5.69 -13.44
N VAL A 226 -10.51 -5.81 -14.75
CA VAL A 226 -11.21 -4.74 -15.51
C VAL A 226 -12.33 -5.40 -16.30
N SER A 227 -13.43 -4.69 -16.51
CA SER A 227 -14.50 -5.22 -17.36
C SER A 227 -15.08 -4.07 -18.19
N VAL A 228 -15.49 -4.41 -19.39
CA VAL A 228 -16.17 -3.47 -20.30
C VAL A 228 -17.64 -3.68 -20.01
N ASP A 229 -18.26 -2.79 -19.23
CA ASP A 229 -19.70 -2.83 -18.91
C ASP A 229 -20.52 -2.60 -20.19
N THR A 230 -20.19 -1.57 -20.97
CA THR A 230 -21.00 -1.16 -22.13
C THR A 230 -20.07 -0.43 -23.09
N VAL A 231 -20.22 -0.71 -24.37
CA VAL A 231 -19.75 0.21 -25.43
C VAL A 231 -20.99 0.80 -26.10
N ASP A 232 -21.22 2.08 -25.93
CA ASP A 232 -22.38 2.74 -26.57
C ASP A 232 -21.89 3.24 -27.95
N SER A 233 -22.16 2.48 -29.01
CA SER A 233 -21.67 2.79 -30.37
C SER A 233 -22.39 4.02 -30.95
N THR A 234 -23.57 4.38 -30.44
CA THR A 234 -24.30 5.61 -30.87
C THR A 234 -23.61 6.85 -30.27
N ALA A 235 -23.39 6.87 -28.96
CA ALA A 235 -22.73 8.00 -28.26
C ALA A 235 -21.20 7.92 -28.46
N GLN A 236 -20.65 6.81 -28.98
CA GLN A 236 -19.19 6.50 -29.06
C GLN A 236 -18.55 6.72 -27.69
N THR A 237 -19.11 6.07 -26.68
CA THR A 237 -18.55 6.07 -25.32
C THR A 237 -18.42 4.64 -24.80
N ALA A 238 -17.65 4.46 -23.74
CA ALA A 238 -17.49 3.17 -23.05
C ALA A 238 -17.64 3.39 -21.56
N ASN A 239 -18.28 2.42 -20.91
CA ASN A 239 -18.35 2.31 -19.44
C ASN A 239 -17.48 1.14 -18.98
N LEU A 240 -16.53 1.42 -18.11
CA LEU A 240 -15.50 0.47 -17.64
C LEU A 240 -15.61 0.38 -16.11
N SER A 241 -15.30 -0.77 -15.55
CA SER A 241 -15.23 -0.92 -14.06
C SER A 241 -14.24 -2.03 -13.75
N GLY A 242 -14.03 -2.23 -12.45
CA GLY A 242 -13.29 -3.41 -12.01
C GLY A 242 -13.15 -3.41 -10.51
N THR A 243 -12.31 -4.33 -10.08
CA THR A 243 -12.06 -4.67 -8.66
C THR A 243 -10.55 -4.63 -8.46
N THR A 244 -10.12 -4.49 -7.21
CA THR A 244 -8.70 -4.61 -6.86
C THR A 244 -8.60 -5.35 -5.53
N THR A 245 -7.45 -5.95 -5.30
CA THR A 245 -7.02 -6.46 -3.97
C THR A 245 -5.68 -5.80 -3.62
N ASP A 246 -5.54 -5.38 -2.37
CA ASP A 246 -4.29 -4.78 -1.85
C ASP A 246 -3.94 -3.50 -2.60
N VAL A 247 -4.95 -2.77 -3.10
CA VAL A 247 -4.71 -1.43 -3.69
C VAL A 247 -5.34 -0.37 -2.78
N ALA A 248 -4.51 0.59 -2.37
CA ALA A 248 -4.88 1.61 -1.35
C ALA A 248 -5.99 2.50 -1.90
N LEU A 249 -6.82 2.99 -0.98
CA LEU A 249 -7.90 3.98 -1.20
C LEU A 249 -7.33 5.13 -2.00
N ASN A 250 -8.04 5.57 -3.04
CA ASN A 250 -7.70 6.76 -3.89
C ASN A 250 -6.51 6.48 -4.80
N SER A 251 -5.98 5.26 -4.85
CA SER A 251 -4.93 4.92 -5.86
C SER A 251 -5.50 5.15 -7.26
N GLN A 252 -4.63 5.58 -8.16
CA GLN A 252 -4.98 5.86 -9.56
C GLN A 252 -4.95 4.56 -10.35
N VAL A 253 -5.95 4.36 -11.20
CA VAL A 253 -6.02 3.30 -12.21
C VAL A 253 -5.82 3.99 -13.56
N ASP A 254 -4.85 3.55 -14.32
CA ASP A 254 -4.58 4.04 -15.69
C ASP A 254 -5.16 3.01 -16.64
N LEU A 255 -5.99 3.46 -17.59
CA LEU A 255 -6.66 2.58 -18.53
C LEU A 255 -6.23 2.97 -19.93
N THR A 256 -6.21 2.00 -20.83
CA THR A 256 -6.00 2.29 -22.27
C THR A 256 -7.07 1.49 -22.99
N VAL A 257 -7.61 2.11 -24.04
CA VAL A 257 -8.56 1.45 -24.98
C VAL A 257 -7.90 1.49 -26.35
N THR A 258 -7.71 0.31 -26.94
CA THR A 258 -6.94 0.12 -28.19
C THR A 258 -7.88 -0.46 -29.23
N ASP A 259 -7.91 0.14 -30.40
CA ASP A 259 -8.81 -0.26 -31.50
C ASP A 259 -8.04 -1.16 -32.47
N SER A 260 -8.72 -1.60 -33.52
CA SER A 260 -8.26 -2.61 -34.50
C SER A 260 -7.18 -2.02 -35.43
N ALA A 261 -6.97 -0.70 -35.40
CA ALA A 261 -5.98 0.03 -36.25
C ALA A 261 -4.77 0.46 -35.41
N GLY A 262 -4.79 0.16 -34.12
CA GLY A 262 -3.71 0.53 -33.18
C GLY A 262 -3.89 1.90 -32.54
N ASN A 263 -5.03 2.57 -32.71
CA ASN A 263 -5.29 3.89 -32.06
C ASN A 263 -5.56 3.62 -30.59
N VAL A 264 -5.14 4.54 -29.72
CA VAL A 264 -5.21 4.34 -28.24
C VAL A 264 -5.91 5.55 -27.64
N VAL A 265 -6.89 5.33 -26.77
CA VAL A 265 -7.48 6.37 -25.88
C VAL A 265 -7.05 6.03 -24.45
N THR A 266 -6.60 7.04 -23.69
CA THR A 266 -6.23 6.89 -22.26
C THR A 266 -7.39 7.43 -21.42
N ALA A 267 -7.60 6.79 -20.28
CA ALA A 267 -8.57 7.16 -19.23
C ALA A 267 -7.93 6.89 -17.87
N THR A 268 -8.45 7.54 -16.85
CA THR A 268 -7.95 7.30 -15.48
C THR A 268 -9.13 7.45 -14.50
N THR A 269 -9.07 6.74 -13.37
CA THR A 269 -10.03 6.92 -12.26
C THR A 269 -9.31 6.45 -11.00
N THR A 270 -9.99 6.42 -9.87
CA THR A 270 -9.38 6.11 -8.57
C THR A 270 -10.14 4.96 -7.91
N VAL A 271 -9.44 4.23 -7.03
CA VAL A 271 -10.02 3.06 -6.34
C VAL A 271 -10.80 3.58 -5.11
N GLY A 272 -11.93 2.94 -4.78
CA GLY A 272 -12.73 3.24 -3.58
C GLY A 272 -12.30 2.39 -2.40
N ALA A 273 -13.00 2.52 -1.29
CA ALA A 273 -12.69 1.83 -0.01
C ALA A 273 -12.85 0.33 -0.19
N ASP A 274 -13.80 -0.12 -1.00
CA ASP A 274 -14.06 -1.57 -1.24
C ASP A 274 -13.15 -2.11 -2.36
N GLY A 275 -12.24 -1.29 -2.89
CA GLY A 275 -11.29 -1.68 -3.94
C GLY A 275 -11.86 -1.57 -5.36
N SER A 276 -13.13 -1.19 -5.49
CA SER A 276 -13.80 -1.08 -6.81
C SER A 276 -13.40 0.23 -7.46
N TYR A 277 -13.50 0.28 -8.79
CA TYR A 277 -13.36 1.49 -9.60
C TYR A 277 -14.36 1.41 -10.77
N SER A 278 -14.75 2.57 -11.28
CA SER A 278 -15.78 2.75 -12.33
C SER A 278 -15.45 4.01 -13.12
N LEU A 279 -15.60 3.97 -14.43
CA LEU A 279 -15.58 5.21 -15.23
C LEU A 279 -16.64 5.09 -16.32
N THR A 280 -17.61 6.01 -16.36
CA THR A 280 -18.72 5.98 -17.37
C THR A 280 -18.49 7.12 -18.36
N GLY A 281 -18.78 6.90 -19.64
CA GLY A 281 -18.77 7.97 -20.65
C GLY A 281 -17.37 8.25 -21.16
N VAL A 282 -16.47 7.27 -21.12
CA VAL A 282 -15.13 7.42 -21.71
C VAL A 282 -15.33 7.70 -23.20
N ASP A 283 -14.69 8.73 -23.74
CA ASP A 283 -14.90 9.20 -25.13
C ASP A 283 -14.02 8.36 -26.06
N ILE A 284 -14.65 7.55 -26.90
CA ILE A 284 -13.89 6.71 -27.88
C ILE A 284 -14.28 7.08 -29.31
N SER A 285 -14.72 8.33 -29.53
CA SER A 285 -15.03 8.87 -30.88
C SER A 285 -13.78 8.86 -31.77
N SER A 286 -12.57 8.83 -31.19
CA SER A 286 -11.32 8.79 -31.99
C SER A 286 -11.01 7.37 -32.47
N LEU A 287 -11.76 6.35 -32.06
CA LEU A 287 -11.39 4.95 -32.41
C LEU A 287 -12.25 4.44 -33.57
N VAL A 288 -11.75 3.47 -34.30
CA VAL A 288 -12.46 2.93 -35.49
C VAL A 288 -13.18 1.68 -35.05
N ASP A 289 -14.12 1.23 -35.88
CA ASP A 289 -14.94 0.05 -35.58
C ASP A 289 -14.08 -1.21 -35.56
N GLY A 290 -14.58 -2.21 -34.83
CA GLY A 290 -13.93 -3.54 -34.69
C GLY A 290 -13.67 -3.84 -33.23
N ASN A 291 -12.80 -4.81 -32.97
CA ASN A 291 -12.41 -5.24 -31.61
C ASN A 291 -11.77 -4.06 -30.87
N LEU A 292 -12.05 -3.98 -29.57
CA LEU A 292 -11.36 -3.08 -28.64
C LEU A 292 -10.64 -3.96 -27.62
N THR A 293 -9.46 -3.53 -27.19
CA THR A 293 -8.78 -4.09 -26.02
C THR A 293 -8.61 -2.98 -24.99
N VAL A 294 -9.12 -3.27 -23.79
CA VAL A 294 -9.04 -2.37 -22.63
C VAL A 294 -8.03 -2.99 -21.68
N GLU A 295 -7.06 -2.19 -21.28
CA GLU A 295 -6.11 -2.57 -20.22
C GLU A 295 -6.21 -1.56 -19.07
N ALA A 296 -6.10 -2.06 -17.85
CA ALA A 296 -6.13 -1.28 -16.59
C ALA A 296 -4.91 -1.69 -15.76
N THR A 297 -4.25 -0.71 -15.14
CA THR A 297 -3.06 -0.90 -14.30
C THR A 297 -3.16 0.02 -13.08
N ALA A 298 -2.83 -0.51 -11.92
CA ALA A 298 -2.69 0.24 -10.67
C ALA A 298 -1.43 -0.25 -9.97
N GLN A 299 -1.15 0.31 -8.82
CA GLN A 299 0.02 -0.06 -8.01
C GLN A 299 -0.50 -0.58 -6.66
N ASP A 300 -0.10 -1.79 -6.26
CA ASP A 300 -0.56 -2.39 -4.98
C ASP A 300 0.27 -1.78 -3.85
N ARG A 301 -0.04 -2.13 -2.62
CA ARG A 301 0.58 -1.51 -1.43
C ARG A 301 2.06 -1.87 -1.30
N ASN A 302 2.53 -2.96 -1.94
CA ASN A 302 3.95 -3.36 -1.85
C ASN A 302 4.70 -2.89 -3.11
N GLY A 303 4.13 -1.95 -3.88
CA GLY A 303 4.84 -1.31 -5.01
C GLY A 303 4.74 -2.13 -6.30
N ASN A 304 3.86 -3.12 -6.41
CA ASN A 304 3.74 -3.91 -7.66
C ASN A 304 2.67 -3.31 -8.57
N ALA A 305 2.94 -3.26 -9.87
CA ALA A 305 1.90 -2.99 -10.89
C ALA A 305 0.99 -4.20 -10.97
N VAL A 306 -0.32 -4.01 -10.85
CA VAL A 306 -1.33 -5.07 -11.07
C VAL A 306 -2.19 -4.64 -12.24
N SER A 307 -2.50 -5.59 -13.11
CA SER A 307 -3.04 -5.33 -14.46
C SER A 307 -4.13 -6.35 -14.79
N ASP A 308 -5.02 -5.96 -15.71
CA ASP A 308 -5.95 -6.88 -16.37
C ASP A 308 -6.27 -6.29 -17.74
N SER A 309 -6.81 -7.09 -18.62
CA SER A 309 -7.27 -6.62 -19.94
C SER A 309 -8.65 -7.20 -20.19
N ALA A 310 -9.44 -6.59 -21.08
CA ALA A 310 -10.79 -7.10 -21.42
C ALA A 310 -11.10 -6.73 -22.88
N ALA A 311 -11.97 -7.49 -23.52
CA ALA A 311 -12.33 -7.34 -24.95
C ALA A 311 -13.61 -6.54 -25.00
N GLY A 312 -13.74 -5.67 -25.99
CA GLY A 312 -14.99 -4.98 -26.32
C GLY A 312 -15.14 -4.86 -27.83
N SER A 313 -16.21 -4.23 -28.29
CA SER A 313 -16.52 -4.14 -29.73
C SER A 313 -17.21 -2.81 -30.00
N LEU A 314 -16.78 -2.12 -31.06
CA LEU A 314 -17.28 -0.79 -31.43
C LEU A 314 -17.86 -0.93 -32.82
N ASP A 315 -19.08 -0.43 -32.99
CA ASP A 315 -19.78 -0.44 -34.31
C ASP A 315 -20.53 0.87 -34.45
N ALA A 316 -19.82 1.99 -34.52
CA ALA A 316 -20.44 3.35 -34.63
C ALA A 316 -20.90 3.64 -36.08
N THR A 317 -20.37 2.92 -37.06
CA THR A 317 -20.67 3.11 -38.50
C THR A 317 -21.12 1.78 -39.13
N THR A 318 -22.29 1.78 -39.73
CA THR A 318 -22.91 0.61 -40.37
C THR A 318 -22.12 0.31 -41.63
N GLY A 319 -21.53 -0.87 -41.78
CA GLY A 319 -20.86 -1.22 -43.04
C GLY A 319 -21.83 -1.08 -44.20
N ALA A 320 -21.35 -0.61 -45.35
CA ALA A 320 -22.12 -0.66 -46.61
C ALA A 320 -21.18 -0.66 -47.81
N LEU A 321 -21.68 -1.24 -48.89
CA LEU A 321 -21.00 -1.16 -50.20
C LEU A 321 -22.08 -0.99 -51.27
N THR A 322 -21.86 -0.04 -52.19
CA THR A 322 -22.63 0.06 -53.47
C THR A 322 -21.72 -0.26 -54.65
N VAL A 323 -22.29 -0.76 -55.75
CA VAL A 323 -21.55 -0.84 -57.04
C VAL A 323 -22.48 -0.28 -58.12
N SER A 324 -21.89 0.31 -59.15
CA SER A 324 -22.59 0.87 -60.33
C SER A 324 -21.90 0.41 -61.60
N LEU A 325 -22.69 -0.05 -62.57
CA LEU A 325 -22.19 -0.30 -63.93
C LEU A 325 -22.35 1.01 -64.71
N ASP A 326 -21.24 1.74 -64.85
CA ASP A 326 -21.20 3.10 -65.43
C ASP A 326 -21.26 3.04 -66.96
N THR A 327 -20.51 2.16 -67.61
CA THR A 327 -20.41 2.10 -69.09
C THR A 327 -20.22 0.66 -69.51
N VAL A 328 -20.92 0.25 -70.56
CA VAL A 328 -20.59 -0.94 -71.37
C VAL A 328 -20.14 -0.39 -72.72
N ASP A 329 -18.87 -0.57 -73.07
CA ASP A 329 -18.36 -0.18 -74.41
C ASP A 329 -18.49 -1.43 -75.29
N ASN A 330 -19.57 -1.50 -76.07
CA ASN A 330 -19.85 -2.67 -76.91
C ASN A 330 -18.84 -2.81 -78.05
N ALA A 331 -18.18 -1.74 -78.48
CA ALA A 331 -17.13 -1.80 -79.53
C ALA A 331 -15.80 -2.35 -78.96
N ALA A 332 -15.35 -1.93 -77.78
CA ALA A 332 -14.05 -2.40 -77.23
C ALA A 332 -14.28 -3.66 -76.35
N GLN A 333 -15.53 -4.04 -76.07
CA GLN A 333 -15.93 -5.15 -75.15
C GLN A 333 -15.32 -4.91 -73.78
N THR A 334 -15.65 -3.77 -73.19
CA THR A 334 -15.15 -3.40 -71.84
C THR A 334 -16.30 -2.80 -71.02
N VAL A 335 -16.11 -2.73 -69.70
CA VAL A 335 -17.04 -2.07 -68.77
C VAL A 335 -16.25 -1.14 -67.85
N ASP A 336 -16.89 -0.04 -67.45
CA ASP A 336 -16.38 0.82 -66.38
C ASP A 336 -17.35 0.64 -65.21
N LEU A 337 -16.82 0.40 -64.01
CA LEU A 337 -17.56 0.13 -62.76
C LEU A 337 -17.11 1.18 -61.74
N SER A 338 -17.95 1.56 -60.81
CA SER A 338 -17.57 2.40 -59.66
C SER A 338 -18.39 1.98 -58.44
N GLY A 339 -17.99 2.42 -57.25
CA GLY A 339 -18.78 2.13 -56.05
C GLY A 339 -18.41 3.02 -54.90
N THR A 340 -19.11 2.84 -53.79
CA THR A 340 -18.89 3.57 -52.54
C THR A 340 -18.88 2.53 -51.44
N THR A 341 -18.29 2.90 -50.32
CA THR A 341 -18.27 2.05 -49.11
C THR A 341 -18.46 2.94 -47.89
N ALA A 342 -19.00 2.37 -46.83
CA ALA A 342 -18.99 2.91 -45.46
C ALA A 342 -18.40 1.85 -44.54
N ASP A 343 -17.50 2.26 -43.65
CA ASP A 343 -16.82 1.40 -42.64
C ASP A 343 -15.99 0.27 -43.30
N VAL A 344 -15.43 0.53 -44.48
CA VAL A 344 -14.38 -0.33 -45.09
C VAL A 344 -13.07 0.46 -45.05
N ALA A 345 -12.07 -0.02 -44.32
CA ALA A 345 -10.75 0.64 -44.15
C ALA A 345 -10.23 0.96 -45.55
N PRO A 346 -9.75 2.19 -45.77
CA PRO A 346 -9.05 2.51 -47.01
C PRO A 346 -7.89 1.53 -47.25
N ASN A 347 -7.68 1.18 -48.51
CA ASN A 347 -6.66 0.22 -48.99
C ASN A 347 -7.11 -1.23 -48.87
N SER A 348 -8.32 -1.51 -48.37
CA SER A 348 -9.00 -2.83 -48.50
C SER A 348 -9.22 -3.18 -49.97
N GLN A 349 -9.24 -4.47 -50.27
CA GLN A 349 -9.56 -5.00 -51.62
C GLN A 349 -11.09 -5.02 -51.79
N VAL A 350 -11.56 -4.69 -52.98
CA VAL A 350 -12.95 -4.93 -53.42
C VAL A 350 -12.87 -6.04 -54.46
N ASN A 351 -13.57 -7.15 -54.26
CA ASN A 351 -13.65 -8.23 -55.29
C ASN A 351 -14.89 -7.99 -56.14
N VAL A 352 -14.73 -8.06 -57.47
CA VAL A 352 -15.81 -7.81 -58.46
C VAL A 352 -15.93 -9.03 -59.37
N THR A 353 -17.16 -9.50 -59.57
CA THR A 353 -17.50 -10.53 -60.61
C THR A 353 -18.49 -9.91 -61.59
N ILE A 354 -18.31 -10.20 -62.88
CA ILE A 354 -19.29 -9.88 -63.94
C ILE A 354 -19.68 -11.23 -64.54
N THR A 355 -20.94 -11.61 -64.42
CA THR A 355 -21.50 -12.88 -64.91
C THR A 355 -22.40 -12.57 -66.11
N ASP A 356 -22.22 -13.29 -67.21
CA ASP A 356 -23.08 -13.18 -68.41
C ASP A 356 -24.24 -14.18 -68.32
N SER A 357 -25.10 -14.24 -69.34
CA SER A 357 -26.41 -14.95 -69.32
C SER A 357 -26.21 -16.46 -69.42
N THR A 358 -25.00 -16.95 -69.71
CA THR A 358 -24.74 -18.41 -69.80
C THR A 358 -23.81 -18.87 -68.67
N GLY A 359 -23.52 -18.01 -67.68
CA GLY A 359 -22.71 -18.35 -66.50
C GLY A 359 -21.20 -18.13 -66.65
N ASN A 360 -20.68 -17.55 -67.74
CA ASN A 360 -19.23 -17.19 -67.82
C ASN A 360 -18.95 -16.05 -66.84
N VAL A 361 -17.75 -15.99 -66.28
CA VAL A 361 -17.47 -15.02 -65.18
C VAL A 361 -16.14 -14.34 -65.49
N VAL A 362 -16.12 -13.02 -65.28
CA VAL A 362 -14.87 -12.20 -65.23
C VAL A 362 -14.69 -11.79 -63.77
N ASN A 363 -13.49 -12.01 -63.24
CA ASN A 363 -13.11 -11.65 -61.86
C ASN A 363 -12.10 -10.49 -61.93
N ALA A 364 -12.28 -9.49 -61.07
CA ALA A 364 -11.36 -8.35 -60.95
C ALA A 364 -11.27 -7.97 -59.47
N ILE A 365 -10.28 -7.15 -59.15
CA ILE A 365 -9.95 -6.70 -57.77
C ILE A 365 -9.41 -5.28 -57.88
N THR A 366 -9.89 -4.39 -57.02
CA THR A 366 -9.35 -3.03 -56.95
C THR A 366 -9.30 -2.65 -55.47
N THR A 367 -8.89 -1.42 -55.23
CA THR A 367 -8.59 -0.88 -53.89
C THR A 367 -9.58 0.22 -53.50
N VAL A 368 -10.07 0.15 -52.26
CA VAL A 368 -10.91 1.21 -51.65
C VAL A 368 -10.06 2.48 -51.43
N GLY A 369 -10.53 3.66 -51.88
CA GLY A 369 -9.81 4.93 -51.74
C GLY A 369 -9.91 5.49 -50.32
N ALA A 370 -9.20 6.58 -50.05
CA ALA A 370 -9.31 7.34 -48.78
C ALA A 370 -10.78 7.68 -48.49
N ASP A 371 -11.58 8.03 -49.50
CA ASP A 371 -12.99 8.47 -49.27
C ASP A 371 -13.98 7.31 -49.32
N GLY A 372 -13.51 6.05 -49.38
CA GLY A 372 -14.39 4.87 -49.42
C GLY A 372 -14.81 4.48 -50.83
N SER A 373 -14.49 5.29 -51.83
CA SER A 373 -14.88 5.01 -53.24
C SER A 373 -13.87 4.07 -53.90
N TYR A 374 -14.31 3.44 -54.97
CA TYR A 374 -13.47 2.53 -55.77
C TYR A 374 -13.96 2.61 -57.20
N SER A 375 -13.12 2.26 -58.14
CA SER A 375 -13.57 2.15 -59.54
C SER A 375 -12.69 1.16 -60.30
N LEU A 376 -13.24 0.63 -61.40
CA LEU A 376 -12.48 -0.17 -62.37
C LEU A 376 -12.88 0.35 -63.75
N THR A 377 -11.90 0.60 -64.61
CA THR A 377 -12.14 1.19 -65.93
C THR A 377 -11.50 0.26 -66.95
N GLY A 378 -12.16 0.10 -68.10
CA GLY A 378 -11.61 -0.71 -69.20
C GLY A 378 -11.51 -2.18 -68.87
N VAL A 379 -12.43 -2.74 -68.06
CA VAL A 379 -12.40 -4.18 -67.70
C VAL A 379 -12.79 -4.99 -68.94
N ASP A 380 -11.98 -5.98 -69.29
CA ASP A 380 -12.15 -6.82 -70.50
C ASP A 380 -13.25 -7.85 -70.28
N ILE A 381 -14.33 -7.74 -71.03
CA ILE A 381 -15.46 -8.72 -70.96
C ILE A 381 -15.64 -9.37 -72.31
N SER A 382 -14.60 -9.37 -73.15
CA SER A 382 -14.60 -10.06 -74.47
C SER A 382 -14.88 -11.57 -74.30
N SER A 383 -14.68 -12.17 -73.12
CA SER A 383 -14.98 -13.59 -72.85
C SER A 383 -16.47 -13.81 -72.55
N LEU A 384 -17.26 -12.75 -72.34
CA LEU A 384 -18.70 -12.90 -72.02
C LEU A 384 -19.51 -12.87 -73.33
N VAL A 385 -20.75 -13.32 -73.28
CA VAL A 385 -21.63 -13.39 -74.49
C VAL A 385 -22.74 -12.35 -74.34
N ASP A 386 -23.31 -11.96 -75.48
CA ASP A 386 -24.40 -10.95 -75.50
C ASP A 386 -25.56 -11.41 -74.61
N GLY A 387 -26.26 -10.44 -74.05
CA GLY A 387 -27.43 -10.60 -73.17
C GLY A 387 -27.15 -9.95 -71.82
N ASP A 388 -27.85 -10.39 -70.78
CA ASP A 388 -27.80 -9.77 -69.43
C ASP A 388 -26.37 -9.86 -68.90
N LEU A 389 -25.98 -8.85 -68.13
CA LEU A 389 -24.75 -8.82 -67.32
C LEU A 389 -25.19 -8.56 -65.89
N THR A 390 -24.59 -9.28 -64.95
CA THR A 390 -24.74 -9.03 -63.51
C THR A 390 -23.36 -8.76 -62.93
N VAL A 391 -23.19 -7.59 -62.33
CA VAL A 391 -21.94 -7.17 -61.65
C VAL A 391 -22.19 -7.40 -60.15
N GLU A 392 -21.27 -8.11 -59.48
CA GLU A 392 -21.32 -8.29 -58.01
C GLU A 392 -20.01 -7.72 -57.44
N ALA A 393 -20.10 -6.90 -56.40
CA ALA A 393 -18.93 -6.39 -55.68
C ALA A 393 -19.04 -6.75 -54.20
N SER A 394 -17.90 -7.11 -53.58
CA SER A 394 -17.79 -7.50 -52.16
C SER A 394 -16.54 -6.93 -51.51
N ALA A 395 -16.67 -6.52 -50.25
CA ALA A 395 -15.53 -6.08 -49.42
C ALA A 395 -15.83 -6.39 -47.95
N GLN A 396 -14.78 -6.52 -47.16
CA GLN A 396 -14.87 -6.78 -45.69
C GLN A 396 -14.90 -5.45 -44.92
N GLY A 397 -15.99 -5.21 -44.20
CA GLY A 397 -16.14 -4.07 -43.28
C GLY A 397 -15.31 -4.28 -42.02
N ARG A 398 -15.12 -3.22 -41.26
CA ARG A 398 -14.34 -3.26 -40.00
C ARG A 398 -14.95 -4.18 -38.94
N ASN A 399 -16.25 -4.47 -38.98
CA ASN A 399 -16.86 -5.39 -37.99
C ASN A 399 -16.89 -6.80 -38.57
N GLY A 400 -16.16 -7.05 -39.66
CA GLY A 400 -15.99 -8.40 -40.24
C GLY A 400 -17.11 -8.86 -41.18
N ASN A 401 -18.04 -8.00 -41.58
CA ASN A 401 -19.15 -8.38 -42.50
C ASN A 401 -18.66 -8.39 -43.95
N ALA A 402 -19.14 -9.34 -44.75
CA ALA A 402 -19.08 -9.31 -46.24
C ALA A 402 -20.12 -8.30 -46.73
N LEU A 403 -19.67 -7.14 -47.16
CA LEU A 403 -20.56 -6.05 -47.64
C LEU A 403 -20.65 -6.17 -49.15
N THR A 404 -21.85 -6.33 -49.70
CA THR A 404 -22.06 -6.65 -51.13
C THR A 404 -23.13 -5.74 -51.74
N ASP A 405 -23.09 -5.69 -53.07
CA ASP A 405 -24.07 -5.01 -53.91
C ASP A 405 -23.96 -5.62 -55.30
N SER A 406 -25.01 -5.52 -56.09
CA SER A 406 -25.03 -5.96 -57.50
C SER A 406 -25.55 -4.82 -58.38
N ALA A 407 -25.22 -4.91 -59.66
CA ALA A 407 -25.80 -4.04 -60.70
C ALA A 407 -25.98 -4.86 -61.97
N ASN A 408 -26.90 -4.41 -62.79
CA ASN A 408 -27.39 -5.17 -63.96
C ASN A 408 -27.13 -4.30 -65.17
N GLY A 409 -26.79 -4.94 -66.28
CA GLY A 409 -26.72 -4.27 -67.58
C GLY A 409 -26.80 -5.31 -68.66
N ALA A 410 -26.24 -4.97 -69.82
CA ALA A 410 -26.36 -5.76 -71.04
C ALA A 410 -25.09 -5.58 -71.84
N LEU A 411 -24.68 -6.65 -72.50
CA LEU A 411 -23.62 -6.67 -73.51
C LEU A 411 -24.27 -6.90 -74.87
N ASP A 412 -23.89 -6.10 -75.86
CA ASP A 412 -24.41 -6.22 -77.24
C ASP A 412 -23.24 -5.92 -78.19
N ALA A 413 -22.26 -6.82 -78.17
CA ALA A 413 -21.00 -6.73 -78.94
C ALA A 413 -21.19 -7.32 -80.34
N THR A 414 -22.16 -8.23 -80.56
CA THR A 414 -22.40 -8.92 -81.86
C THR A 414 -23.71 -8.41 -82.51
CA CA B . -19.20 -0.85 -38.28
CA CA C . -26.14 -8.78 -80.12
CA CA D . 0.67 -7.16 -0.67
CA CA E . 18.18 6.36 36.26
CL CL F . -18.67 -4.65 -41.12
CL CL G . 30.96 6.63 63.11
NA NA H . -24.99 -12.30 -71.50
O20 EDT I . -7.75 -11.10 -13.89
C5 EDT I . -7.10 -11.29 -12.83
O19 EDT I . -7.70 -11.62 -11.72
C4 EDT I . -5.58 -11.23 -12.94
N3 EDT I . -5.01 -11.48 -14.30
C2 EDT I . -5.53 -12.71 -15.00
C1 EDT I . -5.45 -13.99 -14.18
O18 EDT I . -6.52 -14.67 -13.99
O17 EDT I . -4.33 -14.37 -13.76
C6 EDT I . -3.54 -11.63 -14.23
C7 EDT I . -2.95 -10.26 -14.19
N8 EDT I . -1.64 -10.28 -14.87
C9 EDT I . -1.51 -9.11 -15.75
C10 EDT I . -0.35 -9.17 -16.72
O16 EDT I . -0.54 -8.71 -17.87
O15 EDT I . 0.76 -9.64 -16.35
C11 EDT I . -0.55 -10.34 -13.87
C12 EDT I . -0.14 -8.97 -13.33
O13 EDT I . -1.01 -8.19 -12.93
O14 EDT I . 1.07 -8.66 -13.26
C1 PEG J . 12.27 -12.16 18.25
O1 PEG J . 11.06 -11.46 18.33
C2 PEG J . 12.09 -13.57 17.77
O2 PEG J . 11.94 -13.61 16.36
C3 PEG J . 11.05 -14.61 15.88
C4 PEG J . 11.79 -15.48 14.93
O4 PEG J . 11.10 -16.68 14.67
C1 EDO K . 15.39 15.31 57.30
O1 EDO K . 16.46 15.83 56.51
C2 EDO K . 15.81 14.68 58.60
O2 EDO K . 16.10 15.59 59.66
C1 EDO L . -6.80 -6.70 5.78
O1 EDO L . -6.44 -5.54 6.53
C2 EDO L . -6.32 -8.01 6.31
O2 EDO L . -7.28 -8.83 6.92
#